data_6W2O
#
_entry.id   6W2O
#
_cell.length_a   103.690
_cell.length_b   103.690
_cell.length_c   74.720
_cell.angle_alpha   90.000
_cell.angle_beta   90.000
_cell.angle_gamma   120.000
#
_symmetry.space_group_name_H-M   'P 31 2 1'
#
loop_
_entity.id
_entity.type
_entity.pdbx_description
1 polymer 'Uroporphyrinogen decarboxylase'
2 non-polymer 1,2-ETHANEDIOL
3 non-polymer 'SULFATE ION'
4 non-polymer 'CHLORIDE ION'
5 water water
#
_entity_poly.entity_id   1
_entity_poly.type   'polypeptide(L)'
_entity_poly.pdbx_seq_one_letter_code
;MAHHHHHHMTSPLRNDRLLRALRREPVDCTPVWLMRQAGRYLPEYRATRAKAGSFLAMAKNPEIACEVTLQPLRRFPLDA
AILFSDILTIPDAMGLELYFVEGEGPKFRHPVRDEAAIARLAVPDMEQDLGYVMDAVRLIRRELDGQVPLIGFSGSPWTL
ACYMVEGGGSKDFARIKAMALNHPQALHRLLEVTTDAVIAYLGAQRAAGAQALQVFDTWGGVLSPAMYREFSLRYLQRIA
EGLERGEGSERTPLILFGKGTGLHLEALSQTGADALGLDWTLDLDEAMRRTGGRVALQGNLDPTTLYASPDAIAAAAARV
LDTYAAGNGGSREGHVFNLGHGMSPDMDPAHVQVLVDAVHAHSQR
;
_entity_poly.pdbx_strand_id   A
#
loop_
_chem_comp.id
_chem_comp.type
_chem_comp.name
_chem_comp.formula
CL non-polymer 'CHLORIDE ION' 'Cl -1'
EDO non-polymer 1,2-ETHANEDIOL 'C2 H6 O2'
SO4 non-polymer 'SULFATE ION' 'O4 S -2'
#
# COMPACT_ATOMS: atom_id res chain seq x y z
N SER A 11 19.28 -5.96 14.28
CA SER A 11 19.20 -4.81 15.16
C SER A 11 17.76 -4.60 15.66
N PRO A 12 17.61 -4.38 16.96
CA PRO A 12 16.27 -4.14 17.50
C PRO A 12 15.67 -2.84 16.98
N LEU A 13 14.36 -2.86 16.76
CA LEU A 13 13.65 -1.71 16.25
C LEU A 13 13.56 -0.64 17.33
N ARG A 14 14.04 0.58 17.01
CA ARG A 14 14.09 1.65 17.99
C ARG A 14 12.85 2.54 17.97
N ASN A 15 12.20 2.67 16.81
CA ASN A 15 10.94 3.39 16.69
C ASN A 15 9.94 2.38 16.15
N ASP A 16 9.01 1.92 17.01
CA ASP A 16 7.94 1.04 16.56
C ASP A 16 6.57 1.70 16.73
N ARG A 17 6.52 3.03 16.70
CA ARG A 17 5.25 3.76 16.75
C ARG A 17 4.25 3.22 15.75
N LEU A 18 4.68 3.05 14.50
CA LEU A 18 3.78 2.55 13.46
C LEU A 18 3.15 1.24 13.88
N LEU A 19 3.98 0.29 14.33
CA LEU A 19 3.47 -1.05 14.61
C LEU A 19 2.50 -1.04 15.78
N ARG A 20 2.83 -0.27 16.83
CA ARG A 20 1.93 -0.17 17.98
C ARG A 20 0.59 0.44 17.58
N ALA A 21 0.63 1.54 16.81
CA ALA A 21 -0.61 2.18 16.38
C ALA A 21 -1.46 1.24 15.53
N LEU A 22 -0.83 0.51 14.59
CA LEU A 22 -1.58 -0.45 13.79
C LEU A 22 -2.22 -1.55 14.63
N ARG A 23 -1.69 -1.83 15.83
CA ARG A 23 -2.26 -2.80 16.74
C ARG A 23 -3.17 -2.15 17.78
N ARG A 24 -3.50 -0.87 17.62
CA ARG A 24 -4.34 -0.13 18.55
C ARG A 24 -3.73 -0.12 19.95
N GLU A 25 -2.37 -0.09 20.03
CA GLU A 25 -1.64 0.04 21.28
C GLU A 25 -1.15 1.47 21.47
N PRO A 26 -1.09 1.96 22.72
CA PRO A 26 -0.81 3.38 22.95
C PRO A 26 0.60 3.77 22.53
N VAL A 27 0.72 5.00 22.01
CA VAL A 27 2.01 5.54 21.57
C VAL A 27 2.18 6.97 22.12
N ASP A 28 3.39 7.49 21.97
CA ASP A 28 3.73 8.80 22.52
C ASP A 28 3.26 9.93 21.63
N CYS A 29 3.17 9.68 20.33
CA CYS A 29 2.55 10.61 19.39
C CYS A 29 2.18 9.79 18.16
N THR A 30 1.40 10.39 17.30
CA THR A 30 0.83 9.63 16.19
C THR A 30 1.89 9.44 15.11
N PRO A 31 2.09 8.22 14.63
CA PRO A 31 3.07 8.01 13.56
C PRO A 31 2.54 8.51 12.23
N VAL A 32 3.46 8.86 11.34
CA VAL A 32 3.10 9.31 9.99
C VAL A 32 4.05 8.69 8.98
N TRP A 33 3.49 8.20 7.88
CA TRP A 33 4.24 7.97 6.65
C TRP A 33 3.33 8.42 5.51
N LEU A 34 3.90 8.60 4.32
CA LEU A 34 3.18 9.27 3.24
C LEU A 34 3.22 8.45 1.97
N MET A 35 2.06 8.26 1.35
CA MET A 35 1.99 7.55 0.08
CA MET A 35 2.05 7.52 0.10
C MET A 35 2.88 8.24 -0.95
N ARG A 36 3.70 7.46 -1.64
CA ARG A 36 4.66 7.93 -2.64
C ARG A 36 5.68 8.87 -2.02
N GLN A 37 6.04 8.61 -0.75
CA GLN A 37 7.13 9.38 -0.15
C GLN A 37 8.45 9.21 -0.89
N ALA A 38 8.64 8.11 -1.64
CA ALA A 38 9.67 8.03 -2.66
C ALA A 38 9.04 8.38 -4.00
N GLY A 39 9.38 9.53 -4.54
CA GLY A 39 8.75 9.97 -5.77
C GLY A 39 9.43 11.22 -6.32
N ARG A 40 8.94 11.64 -7.48
CA ARG A 40 9.55 12.71 -8.25
C ARG A 40 9.50 14.07 -7.58
N TYR A 41 8.70 14.27 -6.53
CA TYR A 41 8.78 15.54 -5.82
C TYR A 41 10.14 15.72 -5.15
N LEU A 42 10.92 14.64 -5.01
CA LEU A 42 12.29 14.74 -4.50
C LEU A 42 13.28 14.91 -5.66
N PRO A 43 14.08 15.97 -5.68
CA PRO A 43 15.13 16.08 -6.72
C PRO A 43 16.02 14.86 -6.78
N GLU A 44 16.34 14.24 -5.63
CA GLU A 44 17.25 13.12 -5.66
C GLU A 44 16.62 11.88 -6.27
N TYR A 45 15.29 11.75 -6.19
CA TYR A 45 14.61 10.69 -6.91
C TYR A 45 14.76 10.90 -8.40
N ARG A 46 14.53 12.14 -8.86
CA ARG A 46 14.67 12.41 -10.28
CA ARG A 46 14.67 12.41 -10.28
C ARG A 46 16.09 12.13 -10.75
N ALA A 47 17.08 12.46 -9.92
CA ALA A 47 18.47 12.21 -10.29
C ALA A 47 18.76 10.71 -10.39
N THR A 48 18.28 9.94 -9.41
CA THR A 48 18.46 8.49 -9.47
C THR A 48 17.78 7.90 -10.68
N ARG A 49 16.56 8.37 -10.98
CA ARG A 49 15.80 7.88 -12.12
C ARG A 49 16.51 8.19 -13.44
N ALA A 50 17.09 9.39 -13.56
CA ALA A 50 17.79 9.75 -14.80
C ALA A 50 19.02 8.87 -15.01
N LYS A 51 19.71 8.55 -13.93
CA LYS A 51 20.91 7.73 -14.03
C LYS A 51 20.57 6.27 -14.28
N ALA A 52 19.51 5.77 -13.62
CA ALA A 52 19.15 4.36 -13.77
C ALA A 52 18.54 4.11 -15.14
N GLY A 53 17.55 4.92 -15.53
CA GLY A 53 17.08 4.95 -16.91
C GLY A 53 15.61 4.65 -17.11
N SER A 54 14.95 4.06 -16.11
CA SER A 54 13.54 3.70 -16.23
C SER A 54 13.07 3.32 -14.84
N PHE A 55 11.74 3.24 -14.69
CA PHE A 55 11.19 2.74 -13.44
C PHE A 55 11.67 1.31 -13.15
N LEU A 56 11.61 0.43 -14.17
CA LEU A 56 12.03 -0.96 -13.95
C LEU A 56 13.53 -1.06 -13.66
N ALA A 57 14.35 -0.17 -14.23
CA ALA A 57 15.77 -0.20 -13.89
C ALA A 57 16.01 0.12 -12.42
N MET A 58 15.10 0.83 -11.77
CA MET A 58 15.21 1.06 -10.34
C MET A 58 14.57 -0.07 -9.54
N ALA A 59 13.35 -0.47 -9.92
CA ALA A 59 12.58 -1.43 -9.13
C ALA A 59 13.17 -2.83 -9.17
N LYS A 60 13.85 -3.22 -10.25
CA LYS A 60 14.36 -4.58 -10.37
C LYS A 60 15.80 -4.70 -9.94
N ASN A 61 16.37 -3.65 -9.35
CA ASN A 61 17.76 -3.70 -8.90
CA ASN A 61 17.77 -3.63 -8.91
C ASN A 61 17.79 -3.35 -7.41
N PRO A 62 18.00 -4.36 -6.56
CA PRO A 62 17.82 -4.16 -5.10
C PRO A 62 18.54 -2.97 -4.51
N GLU A 63 19.79 -2.71 -4.93
CA GLU A 63 20.51 -1.59 -4.34
CA GLU A 63 20.53 -1.59 -4.36
C GLU A 63 19.88 -0.26 -4.71
N ILE A 64 19.29 -0.14 -5.90
CA ILE A 64 18.64 1.11 -6.30
C ILE A 64 17.28 1.24 -5.64
N ALA A 65 16.51 0.15 -5.60
CA ALA A 65 15.24 0.18 -4.87
C ALA A 65 15.48 0.56 -3.41
N CYS A 66 16.55 0.05 -2.81
CA CYS A 66 16.88 0.41 -1.43
C CYS A 66 17.21 1.90 -1.33
N GLU A 67 18.09 2.38 -2.21
CA GLU A 67 18.44 3.81 -2.26
C GLU A 67 17.20 4.68 -2.31
N VAL A 68 16.29 4.37 -3.23
CA VAL A 68 15.08 5.18 -3.42
C VAL A 68 14.18 5.12 -2.18
N THR A 69 14.04 3.91 -1.60
CA THR A 69 13.23 3.75 -0.39
C THR A 69 13.73 4.63 0.74
N LEU A 70 15.04 4.74 0.88
CA LEU A 70 15.62 5.46 2.01
C LEU A 70 15.70 6.96 1.76
N GLN A 71 15.53 7.43 0.51
CA GLN A 71 15.72 8.85 0.22
C GLN A 71 14.84 9.75 1.07
N PRO A 72 13.53 9.53 1.18
CA PRO A 72 12.73 10.45 2.00
C PRO A 72 13.17 10.49 3.45
N LEU A 73 13.70 9.38 3.98
CA LEU A 73 14.13 9.36 5.38
C LEU A 73 15.42 10.13 5.60
N ARG A 74 16.13 10.50 4.55
CA ARG A 74 17.30 11.36 4.67
C ARG A 74 16.92 12.81 4.87
N ARG A 75 15.66 13.17 4.62
CA ARG A 75 15.14 14.51 4.87
C ARG A 75 14.21 14.57 6.06
N PHE A 76 13.20 13.67 6.10
CA PHE A 76 12.03 13.80 6.96
C PHE A 76 12.02 12.74 8.05
N PRO A 77 11.58 13.07 9.25
CA PRO A 77 11.48 12.07 10.33
C PRO A 77 10.20 11.25 10.27
N LEU A 78 9.99 10.61 9.12
CA LEU A 78 8.87 9.70 8.92
C LEU A 78 9.01 8.49 9.81
N ASP A 79 7.87 7.88 10.17
CA ASP A 79 7.86 6.76 11.09
C ASP A 79 7.88 5.40 10.41
N ALA A 80 8.06 5.36 9.09
CA ALA A 80 8.14 4.09 8.38
C ALA A 80 8.80 4.32 7.05
N ALA A 81 9.40 3.26 6.52
CA ALA A 81 9.76 3.15 5.13
C ALA A 81 8.77 2.21 4.45
N ILE A 82 8.48 2.49 3.18
CA ILE A 82 7.68 1.56 2.38
C ILE A 82 8.54 1.09 1.22
N LEU A 83 8.59 -0.24 1.04
CA LEU A 83 9.34 -0.83 -0.06
C LEU A 83 9.04 -0.12 -1.38
N PHE A 84 10.10 0.31 -2.07
CA PHE A 84 9.94 0.85 -3.42
C PHE A 84 9.78 -0.32 -4.40
N SER A 85 8.60 -0.43 -5.00
CA SER A 85 8.31 -1.47 -5.98
C SER A 85 7.05 -1.09 -6.73
N ASP A 86 6.38 -2.08 -7.32
CA ASP A 86 5.12 -1.88 -8.02
C ASP A 86 4.24 -3.07 -7.73
N ILE A 87 2.92 -2.88 -7.72
CA ILE A 87 2.08 -4.06 -7.52
C ILE A 87 2.19 -5.04 -8.69
N LEU A 88 2.62 -4.61 -9.87
CA LEU A 88 2.58 -5.49 -11.04
C LEU A 88 3.79 -6.39 -11.16
N THR A 89 4.65 -6.45 -10.13
CA THR A 89 5.71 -7.46 -10.10
C THR A 89 5.15 -8.87 -10.23
N ILE A 90 4.07 -9.19 -9.51
CA ILE A 90 3.53 -10.55 -9.53
C ILE A 90 3.14 -10.94 -10.96
N PRO A 91 2.29 -10.18 -11.67
CA PRO A 91 1.94 -10.62 -13.04
C PRO A 91 3.11 -10.58 -14.01
N ASP A 92 4.09 -9.70 -13.80
CA ASP A 92 5.29 -9.78 -14.61
C ASP A 92 6.00 -11.10 -14.39
N ALA A 93 6.12 -11.53 -13.13
CA ALA A 93 6.78 -12.79 -12.83
C ALA A 93 6.00 -13.98 -13.38
N MET A 94 4.69 -13.82 -13.58
CA MET A 94 3.87 -14.88 -14.14
C MET A 94 3.98 -14.97 -15.66
N GLY A 95 4.76 -14.10 -16.29
CA GLY A 95 5.06 -14.22 -17.71
C GLY A 95 4.33 -13.26 -18.63
N LEU A 96 3.63 -12.26 -18.10
CA LEU A 96 2.81 -11.39 -18.93
C LEU A 96 3.60 -10.25 -19.60
N GLU A 97 4.86 -10.07 -19.23
CA GLU A 97 5.80 -9.10 -19.80
C GLU A 97 5.34 -7.66 -19.62
N LEU A 98 5.53 -7.14 -18.40
CA LEU A 98 5.27 -5.74 -18.09
C LEU A 98 6.21 -4.83 -18.86
N TYR A 99 5.66 -3.75 -19.40
CA TYR A 99 6.51 -2.74 -20.02
C TYR A 99 5.87 -1.37 -19.84
N PHE A 100 6.71 -0.35 -19.97
CA PHE A 100 6.28 1.04 -19.88
C PHE A 100 6.69 1.77 -21.16
N VAL A 101 5.73 2.40 -21.80
CA VAL A 101 6.01 3.34 -22.87
C VAL A 101 6.09 4.73 -22.26
N GLU A 102 7.14 5.48 -22.61
CA GLU A 102 7.45 6.77 -21.99
C GLU A 102 6.22 7.64 -21.83
N GLY A 103 5.69 7.71 -20.61
CA GLY A 103 4.54 8.55 -20.34
C GLY A 103 3.20 8.00 -20.75
N GLU A 104 3.00 6.67 -20.62
CA GLU A 104 1.75 6.05 -21.04
C GLU A 104 1.13 5.12 -19.99
N GLY A 105 1.86 4.77 -18.94
CA GLY A 105 1.35 3.86 -17.94
C GLY A 105 1.76 2.42 -18.23
N PRO A 106 1.53 1.53 -17.26
CA PRO A 106 1.99 0.14 -17.40
C PRO A 106 1.13 -0.63 -18.39
N LYS A 107 1.79 -1.52 -19.15
CA LYS A 107 1.12 -2.40 -20.09
C LYS A 107 1.72 -3.79 -19.98
N PHE A 108 0.96 -4.79 -20.46
CA PHE A 108 1.45 -6.16 -20.58
C PHE A 108 1.46 -6.59 -22.04
N ARG A 109 2.53 -7.29 -22.45
CA ARG A 109 2.56 -7.81 -23.81
C ARG A 109 1.54 -8.93 -24.01
N HIS A 110 1.21 -9.66 -22.94
CA HIS A 110 0.35 -10.85 -23.03
C HIS A 110 -0.79 -10.75 -22.03
N PRO A 111 -1.79 -9.92 -22.32
CA PRO A 111 -2.96 -9.85 -21.43
C PRO A 111 -3.70 -11.17 -21.38
N VAL A 112 -4.34 -11.41 -20.23
CA VAL A 112 -5.01 -12.68 -19.96
C VAL A 112 -6.46 -12.54 -20.43
N ARG A 113 -6.75 -13.15 -21.58
CA ARG A 113 -8.02 -12.94 -22.28
C ARG A 113 -8.90 -14.16 -22.39
N ASP A 114 -8.37 -15.36 -22.18
CA ASP A 114 -9.11 -16.59 -22.41
C ASP A 114 -8.75 -17.62 -21.34
N GLU A 115 -9.43 -18.77 -21.39
CA GLU A 115 -9.18 -19.82 -20.41
C GLU A 115 -7.77 -20.39 -20.55
N ALA A 116 -7.26 -20.47 -21.77
CA ALA A 116 -5.91 -21.00 -21.95
C ALA A 116 -4.88 -20.12 -21.27
N ALA A 117 -5.04 -18.80 -21.39
CA ALA A 117 -4.11 -17.89 -20.73
C ALA A 117 -4.22 -18.03 -19.21
N ILE A 118 -5.46 -18.18 -18.71
CA ILE A 118 -5.64 -18.34 -17.27
C ILE A 118 -5.00 -19.63 -16.79
N ALA A 119 -5.13 -20.71 -17.57
CA ALA A 119 -4.57 -21.99 -17.16
C ALA A 119 -3.04 -22.00 -17.14
N ARG A 120 -2.39 -21.13 -17.91
CA ARG A 120 -0.93 -21.07 -17.89
C ARG A 120 -0.38 -20.43 -16.61
N LEU A 121 -1.21 -19.70 -15.88
CA LEU A 121 -0.72 -18.94 -14.74
C LEU A 121 -0.32 -19.87 -13.59
N ALA A 122 0.79 -19.54 -12.95
CA ALA A 122 1.25 -20.28 -11.78
C ALA A 122 1.79 -19.29 -10.75
N VAL A 123 1.82 -19.73 -9.51
CA VAL A 123 2.41 -18.94 -8.44
C VAL A 123 3.91 -18.85 -8.68
N PRO A 124 4.49 -17.66 -8.80
CA PRO A 124 5.95 -17.57 -8.99
C PRO A 124 6.71 -18.15 -7.81
N ASP A 125 7.92 -18.62 -8.11
CA ASP A 125 8.90 -18.97 -7.09
C ASP A 125 9.43 -17.66 -6.51
N MET A 126 9.10 -17.37 -5.26
CA MET A 126 9.27 -15.99 -4.79
C MET A 126 10.75 -15.59 -4.75
N GLU A 127 11.63 -16.48 -4.29
CA GLU A 127 13.02 -16.07 -4.17
C GLU A 127 13.78 -16.12 -5.49
N GLN A 128 13.27 -16.78 -6.52
CA GLN A 128 13.92 -16.78 -7.83
C GLN A 128 13.27 -15.77 -8.77
N ASP A 129 11.98 -15.96 -9.08
CA ASP A 129 11.30 -15.07 -10.02
C ASP A 129 11.09 -13.67 -9.46
N LEU A 130 10.87 -13.55 -8.15
CA LEU A 130 10.72 -12.23 -7.53
C LEU A 130 11.86 -11.95 -6.55
N GLY A 131 13.04 -12.53 -6.82
CA GLY A 131 14.18 -12.34 -5.95
C GLY A 131 14.62 -10.90 -5.84
N TYR A 132 14.39 -10.10 -6.88
CA TYR A 132 14.77 -8.70 -6.77
C TYR A 132 13.94 -7.97 -5.71
N VAL A 133 12.70 -8.39 -5.49
CA VAL A 133 11.90 -7.82 -4.40
C VAL A 133 12.45 -8.26 -3.04
N MET A 134 12.66 -9.56 -2.88
CA MET A 134 13.06 -10.09 -1.58
C MET A 134 14.46 -9.58 -1.19
N ASP A 135 15.37 -9.50 -2.17
CA ASP A 135 16.70 -8.94 -1.89
C ASP A 135 16.60 -7.46 -1.50
N ALA A 136 15.70 -6.70 -2.12
CA ALA A 136 15.52 -5.31 -1.72
C ALA A 136 15.00 -5.22 -0.28
N VAL A 137 14.04 -6.07 0.08
CA VAL A 137 13.52 -6.08 1.46
C VAL A 137 14.65 -6.36 2.44
N ARG A 138 15.49 -7.36 2.15
CA ARG A 138 16.59 -7.67 3.05
C ARG A 138 17.58 -6.51 3.15
N LEU A 139 17.89 -5.87 2.02
CA LEU A 139 18.85 -4.78 2.02
CA LEU A 139 18.86 -4.79 2.04
C LEU A 139 18.32 -3.58 2.79
N ILE A 140 17.04 -3.23 2.56
CA ILE A 140 16.43 -2.10 3.26
C ILE A 140 16.40 -2.37 4.75
N ARG A 141 15.98 -3.57 5.15
CA ARG A 141 15.93 -3.87 6.58
C ARG A 141 17.31 -3.77 7.21
N ARG A 142 18.35 -4.21 6.49
CA ARG A 142 19.70 -4.11 7.04
CA ARG A 142 19.70 -4.12 7.03
C ARG A 142 20.17 -2.66 7.11
N GLU A 143 19.88 -1.86 6.07
CA GLU A 143 20.33 -0.48 6.05
C GLU A 143 19.59 0.36 7.09
N LEU A 144 18.29 0.10 7.27
CA LEU A 144 17.54 0.83 8.30
C LEU A 144 18.11 0.56 9.68
N ASP A 145 18.60 -0.66 9.92
CA ASP A 145 19.25 -1.03 11.17
C ASP A 145 18.41 -0.63 12.39
N GLY A 146 17.12 -0.92 12.33
CA GLY A 146 16.24 -0.67 13.46
C GLY A 146 15.73 0.75 13.62
N GLN A 147 15.97 1.64 12.67
CA GLN A 147 15.54 3.03 12.84
C GLN A 147 14.02 3.15 12.86
N VAL A 148 13.36 2.58 11.85
CA VAL A 148 11.91 2.61 11.68
C VAL A 148 11.50 1.33 10.98
N PRO A 149 10.25 0.90 11.05
CA PRO A 149 9.84 -0.34 10.39
C PRO A 149 9.74 -0.18 8.88
N LEU A 150 9.87 -1.31 8.19
CA LEU A 150 9.68 -1.42 6.75
C LEU A 150 8.32 -2.05 6.44
N ILE A 151 7.52 -1.36 5.62
CA ILE A 151 6.24 -1.86 5.12
C ILE A 151 6.45 -2.53 3.78
N GLY A 152 6.01 -3.80 3.65
CA GLY A 152 5.91 -4.45 2.36
C GLY A 152 4.48 -4.38 1.85
N PHE A 153 4.29 -4.76 0.58
CA PHE A 153 2.95 -4.55 0.02
C PHE A 153 2.70 -5.41 -1.19
N SER A 154 1.41 -5.49 -1.54
CA SER A 154 0.95 -6.16 -2.75
C SER A 154 -0.31 -5.46 -3.24
N GLY A 155 -0.61 -5.63 -4.53
CA GLY A 155 -1.95 -5.36 -4.98
C GLY A 155 -2.92 -6.42 -4.50
N SER A 156 -4.21 -6.06 -4.47
CA SER A 156 -5.24 -7.03 -4.16
C SER A 156 -5.41 -8.00 -5.34
N PRO A 157 -5.97 -9.18 -5.10
CA PRO A 157 -6.24 -10.08 -6.24
C PRO A 157 -7.14 -9.47 -7.30
N TRP A 158 -8.20 -8.78 -6.90
CA TRP A 158 -9.07 -8.15 -7.89
C TRP A 158 -8.33 -7.10 -8.70
N THR A 159 -7.57 -6.23 -8.01
CA THR A 159 -6.89 -5.14 -8.71
C THR A 159 -5.81 -5.69 -9.64
N LEU A 160 -5.07 -6.71 -9.21
CA LEU A 160 -4.12 -7.35 -10.11
C LEU A 160 -4.82 -7.95 -11.32
N ALA A 161 -5.93 -8.65 -11.07
CA ALA A 161 -6.68 -9.26 -12.18
C ALA A 161 -7.12 -8.21 -13.18
N CYS A 162 -7.55 -7.05 -12.69
CA CYS A 162 -7.91 -5.96 -13.60
C CYS A 162 -6.79 -5.64 -14.58
N TYR A 163 -5.58 -5.40 -14.07
CA TYR A 163 -4.48 -5.09 -14.97
C TYR A 163 -4.14 -6.27 -15.87
N MET A 164 -4.23 -7.50 -15.33
CA MET A 164 -3.86 -8.68 -16.11
C MET A 164 -4.79 -8.90 -17.29
N VAL A 165 -6.09 -8.72 -17.08
CA VAL A 165 -7.05 -8.93 -18.15
C VAL A 165 -7.06 -7.76 -19.11
N GLU A 166 -7.02 -6.54 -18.56
CA GLU A 166 -7.08 -5.37 -19.43
C GLU A 166 -5.78 -5.17 -20.20
N GLY A 167 -4.68 -5.69 -19.66
CA GLY A 167 -3.39 -5.49 -20.30
C GLY A 167 -2.74 -4.17 -19.98
N GLY A 168 -3.19 -3.52 -18.92
CA GLY A 168 -2.81 -2.16 -18.61
C GLY A 168 -3.93 -1.50 -17.82
N GLY A 169 -3.84 -0.18 -17.68
CA GLY A 169 -4.88 0.56 -17.04
C GLY A 169 -6.15 0.62 -17.89
N SER A 170 -7.25 1.01 -17.24
CA SER A 170 -8.53 1.07 -17.92
C SER A 170 -9.37 2.15 -17.27
N LYS A 171 -10.23 2.78 -18.07
CA LYS A 171 -11.17 3.75 -17.51
C LYS A 171 -12.40 3.08 -16.93
N ASP A 172 -12.87 1.99 -17.54
CA ASP A 172 -14.13 1.39 -17.14
C ASP A 172 -14.09 -0.12 -16.92
N PHE A 173 -12.95 -0.77 -17.20
CA PHE A 173 -12.77 -2.19 -16.89
C PHE A 173 -13.81 -3.07 -17.57
N ALA A 174 -14.16 -2.71 -18.80
CA ALA A 174 -15.22 -3.42 -19.52
C ALA A 174 -14.85 -4.88 -19.76
N ARG A 175 -13.57 -5.13 -20.01
CA ARG A 175 -13.16 -6.49 -20.37
C ARG A 175 -13.27 -7.44 -19.18
N ILE A 176 -12.73 -7.05 -18.02
CA ILE A 176 -12.80 -7.95 -16.88
C ILE A 176 -14.23 -8.04 -16.36
N LYS A 177 -15.01 -6.96 -16.46
CA LYS A 177 -16.40 -7.04 -16.03
C LYS A 177 -17.22 -7.96 -16.95
N ALA A 178 -16.98 -7.90 -18.26
CA ALA A 178 -17.64 -8.83 -19.16
C ALA A 178 -17.25 -10.27 -18.83
N MET A 179 -15.99 -10.49 -18.44
CA MET A 179 -15.56 -11.82 -18.04
C MET A 179 -16.28 -12.26 -16.77
N ALA A 180 -16.45 -11.35 -15.81
CA ALA A 180 -17.18 -11.69 -14.59
C ALA A 180 -18.61 -12.11 -14.89
N LEU A 181 -19.24 -11.48 -15.89
CA LEU A 181 -20.62 -11.81 -16.21
C LEU A 181 -20.73 -13.05 -17.08
N ASN A 182 -19.83 -13.20 -18.04
CA ASN A 182 -19.98 -14.25 -19.05
C ASN A 182 -19.17 -15.50 -18.77
N HIS A 183 -18.08 -15.39 -18.01
CA HIS A 183 -17.23 -16.53 -17.68
C HIS A 183 -16.77 -16.45 -16.23
N PRO A 184 -17.72 -16.45 -15.27
CA PRO A 184 -17.33 -16.26 -13.88
C PRO A 184 -16.46 -17.39 -13.34
N GLN A 185 -16.65 -18.62 -13.83
CA GLN A 185 -15.80 -19.71 -13.34
C GLN A 185 -14.35 -19.48 -13.74
N ALA A 186 -14.11 -19.07 -14.99
CA ALA A 186 -12.76 -18.75 -15.41
C ALA A 186 -12.17 -17.60 -14.61
N LEU A 187 -12.96 -16.55 -14.37
CA LEU A 187 -12.43 -15.43 -13.61
C LEU A 187 -12.11 -15.84 -12.18
N HIS A 188 -12.96 -16.69 -11.57
CA HIS A 188 -12.66 -17.17 -10.23
C HIS A 188 -11.36 -17.97 -10.21
N ARG A 189 -11.09 -18.74 -11.26
CA ARG A 189 -9.81 -19.46 -11.31
C ARG A 189 -8.64 -18.50 -11.41
N LEU A 190 -8.77 -17.45 -12.23
CA LEU A 190 -7.74 -16.41 -12.26
C LEU A 190 -7.54 -15.80 -10.88
N LEU A 191 -8.64 -15.45 -10.21
CA LEU A 191 -8.51 -14.82 -8.91
C LEU A 191 -7.93 -15.79 -7.87
N GLU A 192 -8.21 -17.09 -8.00
CA GLU A 192 -7.68 -18.06 -7.04
C GLU A 192 -6.16 -18.15 -7.13
N VAL A 193 -5.62 -18.30 -8.34
CA VAL A 193 -4.17 -18.40 -8.48
C VAL A 193 -3.51 -17.07 -8.12
N THR A 194 -4.13 -15.94 -8.48
CA THR A 194 -3.57 -14.65 -8.12
C THR A 194 -3.56 -14.47 -6.60
N THR A 195 -4.62 -14.92 -5.92
CA THR A 195 -4.65 -14.84 -4.45
C THR A 195 -3.57 -15.71 -3.82
N ASP A 196 -3.39 -16.93 -4.32
CA ASP A 196 -2.31 -17.77 -3.81
C ASP A 196 -0.97 -17.07 -4.01
N ALA A 197 -0.80 -16.38 -5.13
CA ALA A 197 0.44 -15.66 -5.38
C ALA A 197 0.59 -14.49 -4.40
N VAL A 198 -0.48 -13.73 -4.16
CA VAL A 198 -0.39 -12.62 -3.21
C VAL A 198 -0.03 -13.12 -1.82
N ILE A 199 -0.65 -14.21 -1.37
CA ILE A 199 -0.34 -14.74 -0.05
C ILE A 199 1.14 -15.16 0.02
N ALA A 200 1.62 -15.84 -1.03
CA ALA A 200 3.02 -16.27 -1.05
C ALA A 200 3.96 -15.08 -1.12
N TYR A 201 3.58 -14.05 -1.88
CA TYR A 201 4.40 -12.87 -2.04
C TYR A 201 4.53 -12.09 -0.75
N LEU A 202 3.40 -11.85 -0.08
CA LEU A 202 3.42 -11.15 1.20
C LEU A 202 4.16 -11.95 2.26
N GLY A 203 3.97 -13.28 2.28
CA GLY A 203 4.67 -14.09 3.24
C GLY A 203 6.18 -14.08 3.02
N ALA A 204 6.60 -14.08 1.75
CA ALA A 204 8.03 -14.03 1.45
C ALA A 204 8.63 -12.67 1.82
N GLN A 205 7.87 -11.59 1.61
CA GLN A 205 8.36 -10.29 2.07
C GLN A 205 8.50 -10.24 3.58
N ARG A 206 7.53 -10.80 4.30
CA ARG A 206 7.63 -10.86 5.75
C ARG A 206 8.85 -11.65 6.18
N ALA A 207 9.09 -12.80 5.53
CA ALA A 207 10.24 -13.62 5.91
C ALA A 207 11.56 -12.93 5.59
N ALA A 208 11.58 -12.10 4.56
CA ALA A 208 12.76 -11.32 4.19
C ALA A 208 12.96 -10.09 5.06
N GLY A 209 11.98 -9.72 5.89
CA GLY A 209 12.19 -8.61 6.80
C GLY A 209 11.12 -7.54 6.88
N ALA A 210 10.09 -7.61 6.04
CA ALA A 210 9.00 -6.64 6.13
C ALA A 210 8.28 -6.80 7.46
N GLN A 211 8.01 -5.67 8.11
CA GLN A 211 7.46 -5.65 9.46
C GLN A 211 6.00 -5.24 9.52
N ALA A 212 5.43 -4.80 8.40
CA ALA A 212 4.01 -4.59 8.22
C ALA A 212 3.71 -4.86 6.76
N LEU A 213 2.46 -5.16 6.46
CA LEU A 213 2.08 -5.56 5.11
C LEU A 213 0.79 -4.87 4.70
N GLN A 214 0.81 -4.22 3.52
CA GLN A 214 -0.34 -3.47 3.03
C GLN A 214 -0.80 -4.04 1.70
N VAL A 215 -2.11 -4.22 1.56
CA VAL A 215 -2.74 -4.69 0.33
C VAL A 215 -3.52 -3.54 -0.30
N PHE A 216 -3.27 -3.25 -1.58
CA PHE A 216 -3.88 -2.13 -2.29
C PHE A 216 -5.00 -2.63 -3.19
N ASP A 217 -6.26 -2.41 -2.82
CA ASP A 217 -7.39 -2.76 -3.69
C ASP A 217 -7.86 -1.54 -4.48
N THR A 218 -6.93 -1.02 -5.29
CA THR A 218 -7.11 0.24 -6.00
C THR A 218 -8.44 0.30 -6.75
N TRP A 219 -8.82 -0.80 -7.39
CA TRP A 219 -9.98 -0.78 -8.29
C TRP A 219 -11.18 -1.54 -7.75
N GLY A 220 -11.19 -1.84 -6.44
CA GLY A 220 -12.36 -2.49 -5.86
C GLY A 220 -13.63 -1.66 -5.98
N GLY A 221 -13.49 -0.34 -6.08
CA GLY A 221 -14.63 0.56 -6.13
C GLY A 221 -15.39 0.60 -7.43
N VAL A 222 -14.91 -0.09 -8.47
CA VAL A 222 -15.65 -0.10 -9.72
C VAL A 222 -16.80 -1.10 -9.70
N LEU A 223 -16.93 -1.88 -8.63
CA LEU A 223 -17.90 -2.98 -8.61
C LEU A 223 -19.15 -2.61 -7.83
N SER A 224 -20.29 -3.14 -8.30
CA SER A 224 -21.53 -3.17 -7.54
C SER A 224 -21.32 -3.89 -6.21
N PRO A 225 -22.19 -3.67 -5.23
CA PRO A 225 -22.03 -4.38 -3.95
C PRO A 225 -21.93 -5.89 -4.10
N ALA A 226 -22.80 -6.51 -4.90
CA ALA A 226 -22.77 -7.96 -5.06
C ALA A 226 -21.47 -8.41 -5.73
N MET A 227 -21.06 -7.71 -6.79
CA MET A 227 -19.84 -8.12 -7.48
C MET A 227 -18.61 -7.86 -6.62
N TYR A 228 -18.64 -6.81 -5.80
CA TYR A 228 -17.52 -6.56 -4.88
C TYR A 228 -17.36 -7.73 -3.91
N ARG A 229 -18.47 -8.19 -3.32
CA ARG A 229 -18.39 -9.32 -2.40
C ARG A 229 -17.81 -10.54 -3.10
N GLU A 230 -18.26 -10.81 -4.33
CA GLU A 230 -17.92 -12.07 -5.00
C GLU A 230 -16.52 -12.06 -5.58
N PHE A 231 -16.06 -10.92 -6.10
CA PHE A 231 -14.84 -10.90 -6.89
C PHE A 231 -13.69 -10.13 -6.25
N SER A 232 -13.92 -9.37 -5.18
CA SER A 232 -12.80 -8.75 -4.47
C SER A 232 -12.77 -9.12 -3.00
N LEU A 233 -13.85 -8.86 -2.26
CA LEU A 233 -13.83 -9.09 -0.81
C LEU A 233 -13.52 -10.54 -0.48
N ARG A 234 -14.10 -11.48 -1.26
CA ARG A 234 -13.86 -12.90 -1.02
C ARG A 234 -12.38 -13.21 -0.92
N TYR A 235 -11.58 -12.56 -1.77
CA TYR A 235 -10.16 -12.86 -1.87
C TYR A 235 -9.35 -12.05 -0.86
N LEU A 236 -9.78 -10.84 -0.51
CA LEU A 236 -9.19 -10.16 0.64
C LEU A 236 -9.37 -10.98 1.91
N GLN A 237 -10.55 -11.57 2.09
CA GLN A 237 -10.77 -12.43 3.25
C GLN A 237 -9.84 -13.64 3.22
N ARG A 238 -9.64 -14.24 2.05
CA ARG A 238 -8.73 -15.37 1.94
C ARG A 238 -7.31 -14.98 2.32
N ILE A 239 -6.89 -13.76 1.97
CA ILE A 239 -5.56 -13.31 2.35
C ILE A 239 -5.46 -13.18 3.87
N ALA A 240 -6.44 -12.52 4.48
CA ALA A 240 -6.41 -12.34 5.93
C ALA A 240 -6.38 -13.68 6.65
N GLU A 241 -7.11 -14.67 6.14
CA GLU A 241 -7.18 -15.97 6.80
C GLU A 241 -5.95 -16.83 6.52
N GLY A 242 -5.39 -16.74 5.32
CA GLY A 242 -4.37 -17.68 4.90
C GLY A 242 -2.95 -17.22 5.08
N LEU A 243 -2.75 -15.93 5.31
CA LEU A 243 -1.41 -15.36 5.48
C LEU A 243 -0.99 -15.44 6.95
N GLU A 244 0.01 -16.26 7.25
CA GLU A 244 0.53 -16.35 8.61
C GLU A 244 1.30 -15.07 8.97
N ARG A 245 0.94 -14.47 10.11
CA ARG A 245 1.51 -13.19 10.51
C ARG A 245 1.89 -13.14 11.99
N GLY A 246 1.81 -14.25 12.70
CA GLY A 246 2.06 -14.21 14.13
C GLY A 246 0.83 -13.81 14.92
N GLU A 247 1.04 -13.62 16.23
CA GLU A 247 -0.04 -13.51 17.19
C GLU A 247 0.19 -12.36 18.15
N GLY A 248 -0.88 -11.64 18.47
CA GLY A 248 -0.85 -10.69 19.58
C GLY A 248 0.02 -9.49 19.30
N SER A 249 0.71 -9.02 20.35
CA SER A 249 1.53 -7.82 20.26
C SER A 249 2.72 -7.96 19.33
N GLU A 250 3.07 -9.17 18.91
CA GLU A 250 4.18 -9.38 17.98
C GLU A 250 3.72 -9.64 16.55
N ARG A 251 2.42 -9.65 16.28
CA ARG A 251 1.96 -9.99 14.94
C ARG A 251 2.38 -8.92 13.94
N THR A 252 2.70 -9.37 12.72
CA THR A 252 2.95 -8.45 11.61
C THR A 252 1.63 -7.83 11.18
N PRO A 253 1.44 -6.51 11.30
CA PRO A 253 0.13 -5.93 10.97
C PRO A 253 -0.19 -6.04 9.49
N LEU A 254 -1.46 -6.30 9.21
CA LEU A 254 -1.99 -6.33 7.86
C LEU A 254 -2.93 -5.14 7.66
N ILE A 255 -2.66 -4.35 6.61
CA ILE A 255 -3.40 -3.14 6.27
C ILE A 255 -4.09 -3.37 4.94
N LEU A 256 -5.38 -3.06 4.86
CA LEU A 256 -6.09 -3.08 3.58
C LEU A 256 -6.46 -1.66 3.19
N PHE A 257 -6.08 -1.27 1.97
CA PHE A 257 -6.32 0.07 1.47
C PHE A 257 -7.28 0.00 0.30
N GLY A 258 -8.23 0.93 0.29
CA GLY A 258 -9.15 1.11 -0.83
C GLY A 258 -9.44 2.58 -0.92
N LYS A 259 -10.05 2.98 -2.04
CA LYS A 259 -10.39 4.37 -2.25
C LYS A 259 -11.88 4.48 -2.56
N GLY A 260 -12.45 5.65 -2.23
CA GLY A 260 -13.88 5.88 -2.36
C GLY A 260 -14.73 4.69 -1.95
N THR A 261 -14.31 3.98 -0.90
CA THR A 261 -14.88 2.68 -0.53
C THR A 261 -15.42 2.68 0.90
N GLY A 262 -15.92 3.84 1.35
CA GLY A 262 -16.52 3.93 2.67
C GLY A 262 -17.75 3.05 2.84
N LEU A 263 -18.35 2.62 1.74
CA LEU A 263 -19.50 1.72 1.83
C LEU A 263 -19.10 0.30 2.19
N HIS A 264 -17.84 -0.08 1.99
CA HIS A 264 -17.38 -1.42 2.36
C HIS A 264 -16.56 -1.43 3.64
N LEU A 265 -16.52 -0.32 4.39
CA LEU A 265 -15.70 -0.28 5.60
C LEU A 265 -16.16 -1.30 6.63
N GLU A 266 -17.48 -1.48 6.78
CA GLU A 266 -17.96 -2.44 7.76
CA GLU A 266 -17.99 -2.44 7.74
C GLU A 266 -17.47 -3.85 7.43
N ALA A 267 -17.63 -4.26 6.18
CA ALA A 267 -17.19 -5.60 5.78
C ALA A 267 -15.69 -5.75 5.88
N LEU A 268 -14.94 -4.74 5.43
CA LEU A 268 -13.48 -4.81 5.52
C LEU A 268 -13.02 -4.90 6.97
N SER A 269 -13.71 -4.24 7.89
CA SER A 269 -13.32 -4.26 9.29
C SER A 269 -13.54 -5.63 9.94
N GLN A 270 -14.27 -6.52 9.27
CA GLN A 270 -14.58 -7.85 9.80
C GLN A 270 -13.72 -8.94 9.17
N THR A 271 -12.77 -8.58 8.31
CA THR A 271 -11.94 -9.56 7.62
C THR A 271 -10.89 -10.18 8.53
N GLY A 272 -10.54 -9.53 9.62
CA GLY A 272 -9.37 -9.94 10.38
C GLY A 272 -8.14 -9.09 10.14
N ALA A 273 -8.17 -8.21 9.14
CA ALA A 273 -7.08 -7.27 8.97
C ALA A 273 -6.97 -6.37 10.21
N ASP A 274 -5.75 -5.90 10.47
CA ASP A 274 -5.52 -5.04 11.63
C ASP A 274 -5.93 -3.60 11.40
N ALA A 275 -5.80 -3.12 10.16
CA ALA A 275 -5.96 -1.70 9.89
C ALA A 275 -6.55 -1.52 8.51
N LEU A 276 -7.29 -0.42 8.34
CA LEU A 276 -7.80 -0.01 7.03
C LEU A 276 -7.23 1.35 6.67
N GLY A 277 -6.72 1.47 5.45
CA GLY A 277 -6.27 2.75 4.93
C GLY A 277 -7.35 3.34 4.05
N LEU A 278 -7.56 4.65 4.17
CA LEU A 278 -8.64 5.27 3.42
C LEU A 278 -8.26 6.68 2.99
N ASP A 279 -9.08 7.21 2.09
CA ASP A 279 -8.86 8.55 1.58
C ASP A 279 -9.79 9.56 2.26
N TRP A 280 -9.81 10.78 1.73
CA TRP A 280 -10.50 11.90 2.34
C TRP A 280 -11.99 11.97 2.03
N THR A 281 -12.52 11.04 1.23
CA THR A 281 -13.92 11.17 0.83
C THR A 281 -14.89 10.88 1.97
N LEU A 282 -14.43 10.28 3.06
CA LEU A 282 -15.21 10.27 4.29
C LEU A 282 -14.29 10.66 5.44
N ASP A 283 -14.88 11.30 6.45
CA ASP A 283 -14.09 11.75 7.60
C ASP A 283 -13.78 10.57 8.52
N LEU A 284 -12.66 10.68 9.25
CA LEU A 284 -12.21 9.55 10.07
C LEU A 284 -13.17 9.24 11.22
N ASP A 285 -13.96 10.20 11.70
CA ASP A 285 -14.92 9.87 12.76
C ASP A 285 -16.03 8.98 12.22
N GLU A 286 -16.53 9.27 11.02
CA GLU A 286 -17.48 8.37 10.39
C GLU A 286 -16.84 7.01 10.10
N ALA A 287 -15.56 6.99 9.73
CA ALA A 287 -14.89 5.71 9.50
C ALA A 287 -14.80 4.90 10.78
N MET A 288 -14.53 5.55 11.92
CA MET A 288 -14.55 4.84 13.20
C MET A 288 -15.94 4.30 13.50
N ARG A 289 -16.98 5.08 13.20
CA ARG A 289 -18.34 4.61 13.46
C ARG A 289 -18.65 3.34 12.66
N ARG A 290 -18.28 3.32 11.38
CA ARG A 290 -18.62 2.18 10.53
C ARG A 290 -17.76 0.95 10.77
N THR A 291 -16.56 1.11 11.32
CA THR A 291 -15.66 -0.01 11.58
C THR A 291 -15.75 -0.53 13.00
N GLY A 292 -16.53 0.13 13.86
CA GLY A 292 -16.84 -0.39 15.18
C GLY A 292 -15.67 -0.53 16.14
N GLY A 293 -14.59 0.21 15.92
CA GLY A 293 -13.42 0.04 16.75
C GLY A 293 -12.63 -1.23 16.51
N ARG A 294 -13.00 -2.02 15.50
CA ARG A 294 -12.34 -3.29 15.25
C ARG A 294 -10.94 -3.13 14.66
N VAL A 295 -10.64 -2.00 14.05
CA VAL A 295 -9.38 -1.85 13.31
C VAL A 295 -8.74 -0.52 13.62
N ALA A 296 -7.42 -0.48 13.47
CA ALA A 296 -6.73 0.78 13.36
C ALA A 296 -7.11 1.45 12.03
N LEU A 297 -6.99 2.76 11.97
CA LEU A 297 -7.25 3.52 10.74
C LEU A 297 -6.00 4.25 10.30
N GLN A 298 -5.74 4.21 9.01
CA GLN A 298 -4.59 4.89 8.41
C GLN A 298 -5.10 5.89 7.38
N GLY A 299 -4.66 7.14 7.49
CA GLY A 299 -5.11 8.17 6.57
C GLY A 299 -5.33 9.48 7.31
N ASN A 300 -6.04 10.44 6.70
CA ASN A 300 -6.68 10.31 5.38
C ASN A 300 -6.61 11.63 4.62
N LEU A 301 -5.48 12.33 4.77
CA LEU A 301 -5.35 13.70 4.28
C LEU A 301 -5.33 13.78 2.76
N ASP A 302 -6.15 14.67 2.20
CA ASP A 302 -6.07 14.97 0.77
C ASP A 302 -4.68 15.54 0.47
N PRO A 303 -3.89 14.92 -0.41
CA PRO A 303 -2.52 15.39 -0.62
C PRO A 303 -2.44 16.80 -1.22
N THR A 304 -3.49 17.29 -1.87
CA THR A 304 -3.45 18.66 -2.38
C THR A 304 -3.36 19.67 -1.24
N THR A 305 -3.63 19.26 0.00
CA THR A 305 -3.35 20.12 1.15
C THR A 305 -1.92 20.61 1.15
N LEU A 306 -1.00 19.85 0.56
CA LEU A 306 0.40 20.25 0.60
C LEU A 306 0.67 21.47 -0.26
N TYR A 307 -0.25 21.87 -1.14
CA TYR A 307 -0.15 23.13 -1.87
C TYR A 307 -0.54 24.35 -1.04
N ALA A 308 -1.16 24.13 0.12
CA ALA A 308 -1.62 25.24 0.96
C ALA A 308 -0.45 25.83 1.75
N SER A 309 -0.74 26.90 2.48
CA SER A 309 0.28 27.55 3.28
C SER A 309 0.73 26.63 4.40
N PRO A 310 1.93 26.86 4.94
CA PRO A 310 2.37 26.08 6.10
C PRO A 310 1.39 26.13 7.26
N ASP A 311 0.85 27.30 7.59
CA ASP A 311 -0.15 27.38 8.66
C ASP A 311 -1.35 26.51 8.34
N ALA A 312 -1.81 26.54 7.08
CA ALA A 312 -2.97 25.75 6.70
C ALA A 312 -2.69 24.26 6.75
N ILE A 313 -1.45 23.87 6.42
CA ILE A 313 -1.07 22.46 6.49
C ILE A 313 -1.09 21.99 7.94
N ALA A 314 -0.51 22.77 8.84
CA ALA A 314 -0.54 22.40 10.26
C ALA A 314 -1.98 22.30 10.75
N ALA A 315 -2.83 23.24 10.36
CA ALA A 315 -4.22 23.22 10.80
C ALA A 315 -4.95 22.00 10.25
N ALA A 316 -4.65 21.63 9.01
CA ALA A 316 -5.31 20.49 8.39
C ALA A 316 -4.87 19.19 9.04
N ALA A 317 -3.59 19.09 9.41
CA ALA A 317 -3.14 17.92 10.15
C ALA A 317 -3.84 17.82 11.49
N ALA A 318 -3.99 18.96 12.19
CA ALA A 318 -4.72 18.97 13.45
C ALA A 318 -6.16 18.55 13.25
N ARG A 319 -6.79 19.00 12.15
CA ARG A 319 -8.18 18.64 11.89
C ARG A 319 -8.33 17.14 11.70
N VAL A 320 -7.46 16.53 10.88
CA VAL A 320 -7.53 15.09 10.67
C VAL A 320 -7.35 14.35 11.99
N LEU A 321 -6.33 14.75 12.77
CA LEU A 321 -6.08 14.10 14.05
C LEU A 321 -7.26 14.25 14.99
N ASP A 322 -7.79 15.48 15.12
CA ASP A 322 -8.86 15.71 16.08
C ASP A 322 -10.16 15.04 15.65
N THR A 323 -10.39 14.92 14.34
CA THR A 323 -11.58 14.23 13.84
C THR A 323 -11.50 12.74 14.17
N TYR A 324 -10.34 12.13 13.94
CA TYR A 324 -10.16 10.74 14.38
C TYR A 324 -10.47 10.59 15.86
N ALA A 325 -9.86 11.43 16.69
CA ALA A 325 -10.04 11.29 18.14
C ALA A 325 -11.51 11.44 18.53
N ALA A 326 -12.22 12.35 17.87
CA ALA A 326 -13.63 12.57 18.20
C ALA A 326 -14.49 11.34 17.90
N GLY A 327 -14.08 10.53 16.93
CA GLY A 327 -14.79 9.31 16.66
C GLY A 327 -14.30 8.12 17.44
N ASN A 328 -13.29 8.31 18.28
CA ASN A 328 -12.67 7.25 19.06
C ASN A 328 -12.76 7.54 20.56
N GLY A 329 -13.87 8.14 20.99
CA GLY A 329 -14.05 8.41 22.41
C GLY A 329 -13.05 9.40 22.98
N GLY A 330 -12.46 10.23 22.15
CA GLY A 330 -11.48 11.20 22.59
C GLY A 330 -10.05 10.71 22.55
N SER A 331 -9.84 9.43 22.28
CA SER A 331 -8.50 8.85 22.25
C SER A 331 -7.86 9.02 20.87
N ARG A 332 -6.57 9.38 20.88
CA ARG A 332 -5.79 9.46 19.64
C ARG A 332 -5.25 8.11 19.19
N GLU A 333 -5.36 7.06 20.03
CA GLU A 333 -4.71 5.79 19.74
C GLU A 333 -5.41 5.03 18.62
N GLY A 334 -4.64 4.21 17.93
CA GLY A 334 -5.13 3.37 16.86
C GLY A 334 -5.15 4.04 15.50
N HIS A 335 -4.40 5.13 15.33
CA HIS A 335 -4.40 5.93 14.12
C HIS A 335 -2.98 6.04 13.59
N VAL A 336 -2.82 5.81 12.29
CA VAL A 336 -1.59 6.12 11.55
C VAL A 336 -1.92 7.24 10.59
N PHE A 337 -1.23 8.38 10.71
CA PHE A 337 -1.49 9.48 9.80
C PHE A 337 -0.90 9.16 8.43
N ASN A 338 -1.67 9.41 7.38
CA ASN A 338 -1.19 9.26 6.01
C ASN A 338 -2.07 10.12 5.11
N LEU A 339 -1.60 10.28 3.87
CA LEU A 339 -2.39 10.84 2.78
C LEU A 339 -3.37 9.80 2.27
N GLY A 340 -4.39 10.27 1.55
CA GLY A 340 -5.31 9.36 0.87
C GLY A 340 -4.92 8.99 -0.53
N HIS A 341 -3.89 9.65 -1.08
CA HIS A 341 -3.37 9.39 -2.41
C HIS A 341 -1.92 9.89 -2.41
N GLY A 342 -1.11 9.36 -3.33
CA GLY A 342 0.31 9.66 -3.32
C GLY A 342 0.65 11.10 -3.66
N MET A 343 1.82 11.52 -3.18
CA MET A 343 2.26 12.86 -3.48
CA MET A 343 2.43 12.81 -3.48
C MET A 343 2.53 13.04 -4.98
N SER A 344 2.39 14.27 -5.40
CA SER A 344 2.55 14.65 -6.79
C SER A 344 3.93 15.24 -7.06
N PRO A 345 4.40 15.12 -8.30
CA PRO A 345 5.78 15.55 -8.59
C PRO A 345 6.08 17.02 -8.34
N ASP A 346 5.06 17.89 -8.37
CA ASP A 346 5.31 19.32 -8.21
C ASP A 346 5.16 19.81 -6.77
N MET A 347 5.04 18.89 -5.81
CA MET A 347 4.88 19.30 -4.44
C MET A 347 6.22 19.65 -3.80
N ASP A 348 6.14 20.44 -2.73
CA ASP A 348 7.32 21.09 -2.13
C ASP A 348 7.81 20.29 -0.94
N PRO A 349 9.03 19.76 -0.97
CA PRO A 349 9.55 19.05 0.21
C PRO A 349 9.47 19.86 1.50
N ALA A 350 9.58 21.19 1.45
CA ALA A 350 9.43 21.99 2.66
C ALA A 350 8.08 21.74 3.31
N HIS A 351 7.02 21.67 2.50
CA HIS A 351 5.69 21.48 3.05
C HIS A 351 5.49 20.06 3.58
N VAL A 352 6.22 19.08 3.03
CA VAL A 352 6.22 17.75 3.61
C VAL A 352 6.81 17.78 5.01
N GLN A 353 7.93 18.47 5.19
CA GLN A 353 8.53 18.58 6.51
C GLN A 353 7.58 19.26 7.49
N VAL A 354 6.90 20.32 7.03
CA VAL A 354 5.92 21.00 7.87
C VAL A 354 4.86 20.02 8.35
N LEU A 355 4.35 19.20 7.43
CA LEU A 355 3.29 18.22 7.76
C LEU A 355 3.79 17.21 8.79
N VAL A 356 4.98 16.65 8.55
CA VAL A 356 5.48 15.59 9.44
C VAL A 356 5.69 16.13 10.85
N ASP A 357 6.35 17.30 10.96
CA ASP A 357 6.53 17.91 12.29
C ASP A 357 5.20 18.22 12.95
N ALA A 358 4.22 18.70 12.17
CA ALA A 358 2.95 19.12 12.75
C ALA A 358 2.17 17.92 13.28
N VAL A 359 2.21 16.80 12.57
CA VAL A 359 1.53 15.60 13.06
C VAL A 359 2.11 15.19 14.40
N HIS A 360 3.44 15.16 14.50
CA HIS A 360 4.08 14.76 15.75
C HIS A 360 3.78 15.75 16.87
N ALA A 361 3.80 17.05 16.57
CA ALA A 361 3.64 18.05 17.61
C ALA A 361 2.21 18.05 18.13
N HIS A 362 1.24 18.06 17.22
CA HIS A 362 -0.15 18.22 17.64
C HIS A 362 -0.66 17.00 18.40
N SER A 363 -0.12 15.82 18.11
CA SER A 363 -0.64 14.58 18.66
C SER A 363 0.12 14.08 19.88
N GLN A 364 1.00 14.89 20.47
CA GLN A 364 1.70 14.49 21.68
C GLN A 364 0.71 14.07 22.76
N ARG A 365 0.91 12.89 23.33
CA ARG A 365 0.07 12.46 24.45
C ARG A 365 0.50 13.17 25.72
C1 EDO B . 2.76 1.17 -2.87
O1 EDO B . 3.87 1.98 -3.27
C2 EDO B . 1.71 1.18 -3.97
O2 EDO B . 1.23 2.51 -4.15
C1 EDO C . -15.04 -5.19 -23.67
O1 EDO C . -13.96 -5.96 -24.19
C2 EDO C . -16.07 -6.14 -23.08
O2 EDO C . -16.43 -7.11 -24.07
S SO4 D . -17.41 -20.13 -17.25
O1 SO4 D . -18.23 -19.66 -16.13
O2 SO4 D . -17.98 -19.72 -18.54
O3 SO4 D . -16.04 -19.65 -17.18
O4 SO4 D . -17.38 -21.60 -17.18
S SO4 E . -10.52 1.88 -21.52
O1 SO4 E . -9.50 2.77 -20.96
O2 SO4 E . -11.80 2.16 -20.88
O3 SO4 E . -10.62 2.10 -22.96
O4 SO4 E . -10.14 0.49 -21.27
S SO4 F . -10.15 -7.01 19.32
O1 SO4 F . -9.57 -6.24 20.41
O2 SO4 F . -11.31 -6.32 18.79
O3 SO4 F . -9.16 -7.19 18.27
O4 SO4 F . -10.54 -8.33 19.82
S SO4 G . -1.31 8.30 -10.22
O1 SO4 G . -1.09 9.47 -9.37
O2 SO4 G . -1.81 8.74 -11.52
O3 SO4 G . -0.04 7.59 -10.41
O4 SO4 G . -2.28 7.42 -9.59
CL CL H . 6.24 10.34 -8.64
CL CL I . 3.75 4.45 -1.32
#